data_6K5Z
#
_entry.id   6K5Z
#
_cell.length_a   73.194
_cell.length_b   73.194
_cell.length_c   126.036
_cell.angle_alpha   90.000
_cell.angle_beta   90.000
_cell.angle_gamma   90.000
#
_symmetry.space_group_name_H-M   'P 43'
#
loop_
_entity.id
_entity.type
_entity.pdbx_description
1 polymer 'Galactose-1-phosphate uridylyltransferase'
2 non-polymer 'ZINC ION'
3 non-polymer 'FE (III) ION'
4 non-polymer 'PHOSPHATE ION'
5 water water
#
_entity_poly.entity_id   1
_entity_poly.type   'polypeptide(L)'
_entity_poly.pdbx_seq_one_letter_code
;MEIRKDPFTGEYILVSPHRLKRPWQPEGACPFCPGAPETGRGWDVLILPNRYPVVTENPPEPTAEDLYEVIPARGSSLVV
VETPQHDVDDLSDLPLGQIKKILTAVAEAQRKAEKEGNAAYFLFFRNKGKEIGVSLTHPHSQIYILPVVPPRVRAELQAS
YEWYVKHGSCLHCRIVEKEEKRLVFQNRNWKAFVPFYAKWPHEVHIYPKRHRSLLTELTDEEVADLAEALKITLCALKQV
AGIPMPYIMVLHQAPLPRPTQYYHLHFEIYGMYRPDGKLKHAAGAELGASLFTLDTTPEETAARIKAALQKCLKHSAD
;
_entity_poly.pdbx_strand_id   A,B
#
loop_
_chem_comp.id
_chem_comp.type
_chem_comp.name
_chem_comp.formula
FE non-polymer 'FE (III) ION' 'Fe 3'
PO4 non-polymer 'PHOSPHATE ION' 'O4 P -3'
ZN non-polymer 'ZINC ION' 'Zn 2'
#
# COMPACT_ATOMS: atom_id res chain seq x y z
N MET A 1 12.56 9.85 18.73
CA MET A 1 11.98 8.85 17.79
C MET A 1 11.14 7.84 18.59
N GLU A 2 10.03 7.38 17.99
CA GLU A 2 9.12 6.39 18.64
C GLU A 2 8.23 5.70 17.60
N ILE A 3 7.57 4.61 18.00
CA ILE A 3 6.67 3.88 17.13
C ILE A 3 5.26 4.27 17.52
N ARG A 4 4.55 4.96 16.62
CA ARG A 4 3.19 5.37 16.89
C ARG A 4 2.25 4.35 16.34
N LYS A 5 1.02 4.40 16.80
CA LYS A 5 0.04 3.38 16.51
C LYS A 5 -1.22 4.07 16.02
N ASP A 6 -1.72 3.61 14.88
CA ASP A 6 -2.93 4.13 14.33
C ASP A 6 -4.06 3.47 15.10
N PRO A 7 -4.90 4.29 15.74
CA PRO A 7 -6.01 3.74 16.50
C PRO A 7 -7.15 3.13 15.70
N PHE A 8 -7.23 3.41 14.39
CA PHE A 8 -8.34 2.91 13.56
C PHE A 8 -8.05 1.66 12.76
N THR A 9 -6.77 1.50 12.40
CA THR A 9 -6.28 0.42 11.53
C THR A 9 -5.36 -0.56 12.23
N GLY A 10 -4.78 -0.16 13.37
CA GLY A 10 -3.81 -0.99 14.10
C GLY A 10 -2.37 -0.86 13.61
N GLU A 11 -2.14 -0.06 12.58
CA GLU A 11 -0.85 0.00 11.93
C GLU A 11 0.18 0.82 12.68
N TYR A 12 1.44 0.46 12.46
CA TYR A 12 2.54 1.09 13.15
C TYR A 12 3.24 2.06 12.27
N ILE A 13 3.69 3.15 12.88
CA ILE A 13 4.43 4.16 12.20
C ILE A 13 5.72 4.37 12.94
N LEU A 14 6.83 4.25 12.25
CA LEU A 14 8.15 4.43 12.85
C LEU A 14 8.60 5.87 12.58
N VAL A 15 8.38 6.74 13.54
CA VAL A 15 8.72 8.17 13.40
C VAL A 15 10.17 8.36 13.89
N SER A 16 11.03 8.88 13.03
CA SER A 16 12.46 9.10 13.40
C SER A 16 13.00 10.33 12.64
N PRO A 17 13.22 11.43 13.35
CA PRO A 17 13.72 12.67 12.75
C PRO A 17 15.13 12.49 12.16
N HIS A 18 15.38 13.11 11.00
CA HIS A 18 16.70 13.02 10.33
C HIS A 18 16.88 14.21 9.39
N TRP A 24 27.96 15.96 4.37
CA TRP A 24 28.47 16.00 3.00
C TRP A 24 29.34 14.78 2.67
N GLN A 25 29.15 14.20 1.48
CA GLN A 25 29.92 13.03 1.06
C GLN A 25 30.28 13.13 -0.42
N PRO A 26 31.41 12.55 -0.82
CA PRO A 26 31.73 12.62 -2.22
C PRO A 26 30.75 11.89 -3.13
N GLU A 27 30.28 12.56 -4.18
CA GLU A 27 29.68 11.90 -5.34
C GLU A 27 30.50 10.73 -5.88
N GLY A 28 29.78 9.65 -6.20
CA GLY A 28 30.38 8.37 -6.62
C GLY A 28 30.92 7.49 -5.49
N ALA A 29 30.53 7.82 -4.24
CA ALA A 29 30.91 7.04 -3.05
C ALA A 29 29.73 6.17 -2.71
N CYS A 30 30.01 4.90 -2.54
CA CYS A 30 29.04 3.93 -2.16
C CYS A 30 29.36 3.47 -0.76
N PRO A 31 28.40 3.63 0.16
CA PRO A 31 28.56 3.21 1.52
C PRO A 31 28.53 1.67 1.73
N PHE A 32 28.19 0.91 0.71
CA PHE A 32 28.19 -0.55 0.78
C PHE A 32 29.33 -1.18 0.01
N CYS A 33 30.06 -0.37 -0.76
CA CYS A 33 31.24 -0.84 -1.46
C CYS A 33 32.42 -1.26 -0.55
N PRO A 34 33.15 -2.31 -0.97
CA PRO A 34 34.32 -2.67 -0.18
C PRO A 34 35.35 -1.50 -0.15
N GLY A 35 36.07 -1.37 0.96
CA GLY A 35 37.02 -0.29 1.13
C GLY A 35 36.41 0.95 1.76
N ALA A 36 35.13 0.86 2.11
CA ALA A 36 34.39 1.94 2.76
C ALA A 36 34.77 2.02 4.24
N PRO A 37 34.41 3.12 4.89
CA PRO A 37 34.74 3.30 6.30
C PRO A 37 34.13 2.21 7.17
N GLU A 38 32.90 1.81 6.87
CA GLU A 38 32.24 0.77 7.65
C GLU A 38 32.42 -0.66 7.09
N THR A 39 32.85 -0.80 5.83
CA THR A 39 32.90 -2.13 5.18
C THR A 39 34.19 -2.95 5.37
N GLY A 40 35.32 -2.39 4.95
CA GLY A 40 36.60 -3.11 4.95
C GLY A 40 36.71 -3.94 3.69
N ARG A 41 37.54 -4.99 3.71
CA ARG A 41 37.77 -5.86 2.53
C ARG A 41 37.84 -7.36 2.89
N GLY A 42 37.93 -8.20 1.86
CA GLY A 42 38.04 -9.66 2.02
C GLY A 42 36.75 -10.37 2.40
N TRP A 43 35.61 -9.73 2.06
CA TRP A 43 34.29 -10.20 2.47
C TRP A 43 33.44 -10.51 1.25
N ASP A 44 32.52 -11.45 1.41
CA ASP A 44 31.55 -11.78 0.34
C ASP A 44 30.18 -11.18 0.55
N VAL A 45 29.73 -11.13 1.81
CA VAL A 45 28.46 -10.61 2.25
C VAL A 45 28.68 -9.89 3.59
N LEU A 46 27.95 -8.78 3.82
CA LEU A 46 27.89 -8.17 5.15
C LEU A 46 26.50 -7.74 5.56
N ILE A 47 26.27 -7.76 6.88
CA ILE A 47 25.10 -7.15 7.50
C ILE A 47 25.55 -5.97 8.38
N LEU A 48 25.20 -4.75 7.94
CA LEU A 48 25.66 -3.47 8.52
C LEU A 48 24.56 -2.79 9.28
N PRO A 49 24.90 -1.96 10.27
CA PRO A 49 23.89 -1.03 10.77
C PRO A 49 23.48 -0.03 9.67
N ASN A 50 22.17 0.19 9.54
CA ASN A 50 21.65 1.20 8.63
C ASN A 50 22.14 2.56 9.17
N ARG A 51 22.53 3.44 8.25
CA ARG A 51 23.04 4.77 8.57
C ARG A 51 22.02 5.63 9.27
N TYR A 52 20.76 5.51 8.86
CA TYR A 52 19.68 6.28 9.46
C TYR A 52 18.62 5.28 9.89
N PRO A 53 18.92 4.59 10.99
CA PRO A 53 18.06 3.55 11.53
C PRO A 53 16.70 4.05 12.02
N VAL A 54 15.69 3.23 11.76
CA VAL A 54 14.32 3.49 12.16
C VAL A 54 14.00 2.92 13.54
N VAL A 55 14.82 1.95 13.97
CA VAL A 55 14.85 1.45 15.34
C VAL A 55 16.32 1.32 15.74
N THR A 56 16.59 1.35 17.04
CA THR A 56 17.96 1.28 17.56
C THR A 56 17.93 0.58 18.92
N GLU A 57 19.09 0.16 19.43
CA GLU A 57 19.16 -0.57 20.72
C GLU A 57 18.81 0.23 21.99
N ASN A 58 19.17 1.50 22.00
CA ASN A 58 18.89 2.42 23.15
C ASN A 58 18.06 3.65 22.69
N PRO A 59 16.74 3.44 22.50
CA PRO A 59 15.88 4.49 21.98
C PRO A 59 15.47 5.48 23.07
N PRO A 60 15.27 6.77 22.69
CA PRO A 60 14.85 7.76 23.66
C PRO A 60 13.44 7.53 24.12
N GLU A 61 13.07 8.25 25.16
CA GLU A 61 11.75 8.17 25.71
C GLU A 61 10.71 8.51 24.62
N PRO A 62 9.73 7.65 24.40
CA PRO A 62 8.74 7.90 23.36
C PRO A 62 7.91 9.13 23.66
N THR A 63 7.49 9.85 22.61
CA THR A 63 6.71 11.06 22.82
C THR A 63 5.26 10.66 23.01
N ALA A 64 4.81 10.78 24.25
CA ALA A 64 3.45 10.42 24.63
C ALA A 64 2.39 11.44 24.24
N GLU A 65 1.22 10.92 23.89
CA GLU A 65 0.07 11.76 23.56
C GLU A 65 -1.16 11.22 24.30
N ASP A 66 -2.13 12.08 24.58
CA ASP A 66 -3.29 11.68 25.38
C ASP A 66 -4.23 10.58 24.90
N LEU A 67 -4.61 10.54 23.62
CA LEU A 67 -5.53 9.45 23.22
C LEU A 67 -4.93 8.25 22.46
N TYR A 68 -3.59 8.20 22.37
CA TYR A 68 -2.87 7.21 21.53
C TYR A 68 -1.87 6.33 22.29
N GLU A 69 -1.59 5.16 21.72
CA GLU A 69 -0.56 4.27 22.21
C GLU A 69 0.76 4.53 21.45
N VAL A 70 1.83 4.68 22.23
CA VAL A 70 3.16 4.90 21.71
C VAL A 70 4.12 3.93 22.40
N ILE A 71 5.02 3.34 21.64
CA ILE A 71 5.99 2.40 22.19
C ILE A 71 7.40 2.82 21.77
N PRO A 72 8.39 2.46 22.57
CA PRO A 72 9.78 2.82 22.26
C PRO A 72 10.25 2.20 20.96
N ALA A 73 11.00 2.98 20.18
CA ALA A 73 11.53 2.51 18.89
C ALA A 73 12.74 1.57 19.04
N ARG A 74 12.50 0.40 19.61
CA ARG A 74 13.56 -0.50 20.07
C ARG A 74 13.78 -1.73 19.17
N GLY A 75 14.89 -1.74 18.44
CA GLY A 75 15.19 -2.83 17.53
C GLY A 75 16.44 -2.54 16.74
N SER A 76 16.69 -3.36 15.72
CA SER A 76 17.86 -3.18 14.89
C SER A 76 17.49 -3.00 13.42
N SER A 77 18.07 -1.99 12.78
CA SER A 77 17.83 -1.76 11.37
C SER A 77 19.15 -2.09 10.69
N LEU A 78 19.12 -3.03 9.75
CA LEU A 78 20.36 -3.48 9.13
C LEU A 78 20.18 -3.47 7.63
N VAL A 79 21.31 -3.34 6.94
CA VAL A 79 21.40 -3.52 5.51
C VAL A 79 22.19 -4.79 5.25
N VAL A 80 21.78 -5.56 4.24
CA VAL A 80 22.47 -6.76 3.85
C VAL A 80 23.13 -6.42 2.55
N VAL A 81 24.44 -6.28 2.57
CA VAL A 81 25.19 -6.03 1.36
C VAL A 81 25.41 -7.42 0.79
N GLU A 82 24.84 -7.62 -0.39
CA GLU A 82 24.66 -8.91 -0.97
C GLU A 82 25.88 -9.46 -1.73
N THR A 83 26.86 -8.59 -1.98
CA THR A 83 28.01 -8.85 -2.86
C THR A 83 29.01 -7.66 -2.75
N PRO A 84 30.31 -7.89 -2.99
CA PRO A 84 31.26 -6.75 -3.03
C PRO A 84 31.19 -5.95 -4.31
N GLN A 85 30.63 -6.55 -5.34
CA GLN A 85 30.56 -5.92 -6.64
C GLN A 85 29.47 -4.85 -6.67
N HIS A 86 29.83 -3.65 -7.13
CA HIS A 86 28.91 -2.54 -7.24
C HIS A 86 27.95 -2.66 -8.44
N ASP A 87 28.43 -3.26 -9.53
CA ASP A 87 27.83 -3.13 -10.88
C ASP A 87 26.82 -4.25 -11.29
N VAL A 88 26.50 -5.12 -10.33
CA VAL A 88 25.53 -6.21 -10.51
C VAL A 88 24.10 -5.64 -10.44
N ASP A 89 23.29 -5.85 -11.46
CA ASP A 89 21.92 -5.33 -11.46
C ASP A 89 20.97 -5.88 -10.36
N ASP A 90 20.99 -7.20 -10.15
CA ASP A 90 19.98 -7.87 -9.32
C ASP A 90 20.57 -9.01 -8.51
N LEU A 91 19.91 -9.33 -7.40
CA LEU A 91 20.17 -10.52 -6.63
C LEU A 91 20.30 -11.79 -7.52
N SER A 92 19.51 -11.85 -8.57
CA SER A 92 19.41 -13.00 -9.46
C SER A 92 20.47 -13.14 -10.52
N ASP A 93 21.27 -12.10 -10.71
CA ASP A 93 22.53 -12.22 -11.46
C ASP A 93 23.65 -12.91 -10.69
N LEU A 94 23.57 -12.98 -9.36
CA LEU A 94 24.61 -13.60 -8.57
C LEU A 94 24.57 -15.15 -8.67
N PRO A 95 25.72 -15.81 -8.44
CA PRO A 95 25.67 -17.26 -8.58
C PRO A 95 25.06 -17.95 -7.36
N LEU A 96 24.61 -19.16 -7.58
CA LEU A 96 23.95 -19.89 -6.50
C LEU A 96 24.75 -19.89 -5.20
N GLY A 97 26.05 -20.12 -5.27
CA GLY A 97 26.87 -20.13 -4.10
C GLY A 97 26.80 -18.79 -3.37
N GLN A 98 26.79 -17.68 -4.11
CA GLN A 98 26.77 -16.34 -3.48
C GLN A 98 25.41 -16.11 -2.75
N ILE A 99 24.32 -16.43 -3.43
CA ILE A 99 22.98 -16.35 -2.89
C ILE A 99 22.86 -17.23 -1.65
N LYS A 100 23.59 -18.35 -1.64
CA LYS A 100 23.60 -19.28 -0.47
C LYS A 100 24.17 -18.57 0.77
N LYS A 101 25.25 -17.80 0.59
CA LYS A 101 25.91 -17.07 1.70
C LYS A 101 25.08 -15.91 2.20
N ILE A 102 24.43 -15.20 1.28
CA ILE A 102 23.39 -14.19 1.63
C ILE A 102 22.29 -14.81 2.53
N LEU A 103 21.68 -15.88 2.07
CA LEU A 103 20.67 -16.56 2.89
C LEU A 103 21.18 -17.01 4.26
N THR A 104 22.37 -17.58 4.25
CA THR A 104 22.96 -18.12 5.46
C THR A 104 23.25 -17.01 6.44
N ALA A 105 23.80 -15.90 5.96
CA ALA A 105 24.04 -14.75 6.76
C ALA A 105 22.76 -14.23 7.44
N VAL A 106 21.70 -14.07 6.66
CA VAL A 106 20.43 -13.59 7.21
C VAL A 106 19.93 -14.53 8.27
N ALA A 107 20.05 -15.84 8.02
CA ALA A 107 19.63 -16.86 8.99
C ALA A 107 20.42 -16.81 10.29
N GLU A 108 21.72 -16.56 10.18
CA GLU A 108 22.59 -16.50 11.37
C GLU A 108 22.23 -15.27 12.24
N ALA A 109 21.97 -14.14 11.57
CA ALA A 109 21.52 -12.91 12.25
C ALA A 109 20.17 -13.10 12.93
N GLN A 110 19.26 -13.85 12.29
CA GLN A 110 17.99 -14.14 12.92
C GLN A 110 18.20 -15.02 14.14
N ARG A 111 19.09 -16.01 14.05
CA ARG A 111 19.34 -16.93 15.19
C ARG A 111 19.83 -16.13 16.41
N LYS A 112 20.79 -15.25 16.14
CA LYS A 112 21.32 -14.32 17.10
C LYS A 112 20.22 -13.50 17.78
N ALA A 113 19.34 -12.89 16.99
CA ALA A 113 18.17 -12.19 17.48
C ALA A 113 17.25 -13.10 18.28
N GLU A 114 17.04 -14.32 17.82
CA GLU A 114 16.30 -15.35 18.57
C GLU A 114 16.89 -15.60 19.96
N LYS A 115 18.21 -15.83 20.02
CA LYS A 115 18.87 -16.18 21.28
C LYS A 115 18.82 -15.00 22.26
N GLU A 116 19.21 -13.81 21.78
CA GLU A 116 19.20 -12.58 22.59
C GLU A 116 17.85 -12.34 23.32
N GLY A 117 16.74 -12.79 22.74
CA GLY A 117 15.47 -12.90 23.44
C GLY A 117 14.61 -11.64 23.62
N ASN A 118 14.97 -10.55 22.95
CA ASN A 118 14.21 -9.31 23.06
C ASN A 118 13.25 -9.10 21.89
N ALA A 119 13.79 -9.08 20.69
CA ALA A 119 13.02 -8.74 19.50
C ALA A 119 11.78 -9.59 19.31
N ALA A 120 10.65 -8.96 19.02
CA ALA A 120 9.43 -9.75 18.70
C ALA A 120 9.43 -10.33 17.28
N TYR A 121 10.04 -9.59 16.33
CA TYR A 121 9.92 -9.91 14.91
C TYR A 121 11.18 -9.59 14.13
N PHE A 122 11.45 -10.44 13.12
CA PHE A 122 12.60 -10.32 12.25
C PHE A 122 12.06 -10.24 10.82
N LEU A 123 12.17 -9.07 10.21
CA LEU A 123 11.56 -8.80 8.94
C LEU A 123 12.64 -8.59 7.90
N PHE A 124 12.69 -9.48 6.93
CA PHE A 124 13.69 -9.36 5.89
C PHE A 124 12.94 -8.96 4.64
N PHE A 125 13.48 -7.94 4.00
CA PHE A 125 12.91 -7.49 2.78
C PHE A 125 13.93 -6.90 1.87
N ARG A 126 13.52 -6.72 0.62
CA ARG A 126 14.35 -6.20 -0.42
C ARG A 126 13.54 -5.32 -1.38
N ASN A 127 14.06 -4.10 -1.64
CA ASN A 127 13.45 -3.23 -2.67
C ASN A 127 14.38 -3.19 -3.82
N LYS A 128 13.87 -3.17 -5.03
CA LYS A 128 14.74 -3.20 -6.20
C LYS A 128 14.18 -2.29 -7.23
N GLY A 129 15.01 -1.39 -7.71
CA GLY A 129 14.67 -0.54 -8.86
C GLY A 129 14.60 0.95 -8.52
N LYS A 130 15.15 1.75 -9.41
CA LYS A 130 15.14 3.19 -9.23
C LYS A 130 13.69 3.68 -9.23
N GLU A 131 12.84 3.10 -10.08
CA GLU A 131 11.43 3.56 -10.22
C GLU A 131 10.61 3.45 -8.97
N ILE A 132 11.00 2.61 -8.04
CA ILE A 132 10.33 2.58 -6.73
C ILE A 132 11.19 3.10 -5.56
N GLY A 133 12.21 3.90 -5.88
CA GLY A 133 12.91 4.71 -4.88
C GLY A 133 14.22 4.19 -4.41
N VAL A 134 14.75 3.17 -5.06
CA VAL A 134 16.01 2.57 -4.67
C VAL A 134 17.08 3.37 -5.38
N SER A 135 17.65 4.35 -4.67
CA SER A 135 18.67 5.21 -5.25
C SER A 135 20.07 4.63 -5.06
N LEU A 136 20.28 3.74 -4.10
CA LEU A 136 21.58 3.03 -3.93
C LEU A 136 21.59 1.73 -4.75
N THR A 137 22.18 1.82 -5.92
CA THR A 137 22.14 0.77 -6.91
C THR A 137 22.82 -0.55 -6.47
N HIS A 138 23.78 -0.47 -5.56
CA HIS A 138 24.58 -1.59 -5.15
C HIS A 138 23.70 -2.65 -4.51
N PRO A 139 23.65 -3.88 -5.07
CA PRO A 139 22.74 -4.94 -4.55
C PRO A 139 22.63 -5.11 -3.03
N HIS A 140 21.47 -4.75 -2.47
CA HIS A 140 21.35 -4.83 -0.99
C HIS A 140 19.95 -5.24 -0.57
N SER A 141 19.83 -5.74 0.67
CA SER A 141 18.57 -6.18 1.32
C SER A 141 18.45 -5.50 2.69
N GLN A 142 17.25 -5.45 3.24
CA GLN A 142 17.11 -4.77 4.55
C GLN A 142 16.51 -5.71 5.60
N ILE A 143 17.01 -5.61 6.84
CA ILE A 143 16.43 -6.34 7.95
C ILE A 143 15.94 -5.35 9.01
N TYR A 144 14.73 -5.53 9.49
CA TYR A 144 14.28 -4.75 10.61
C TYR A 144 14.03 -5.73 11.70
N ILE A 145 14.78 -5.57 12.79
CA ILE A 145 14.53 -6.35 13.98
C ILE A 145 13.65 -5.47 14.89
N LEU A 146 12.46 -5.96 15.23
CA LEU A 146 11.39 -5.12 15.69
C LEU A 146 10.77 -5.56 17.02
N PRO A 147 10.34 -4.58 17.83
CA PRO A 147 9.63 -4.85 19.07
C PRO A 147 8.15 -5.26 18.91
N VAL A 148 7.62 -5.20 17.69
CA VAL A 148 6.27 -5.64 17.42
C VAL A 148 6.22 -6.44 16.14
N VAL A 149 5.08 -7.09 15.95
CA VAL A 149 4.76 -7.87 14.79
C VAL A 149 4.15 -6.98 13.71
N PRO A 150 4.78 -6.95 12.52
CA PRO A 150 4.22 -6.09 11.47
C PRO A 150 2.75 -6.36 11.20
N PRO A 151 1.93 -5.30 11.08
CA PRO A 151 0.49 -5.51 11.00
C PRO A 151 0.00 -6.37 9.90
N ARG A 152 0.67 -6.40 8.76
CA ARG A 152 0.21 -7.30 7.69
C ARG A 152 0.49 -8.74 8.09
N VAL A 153 1.65 -8.98 8.69
CA VAL A 153 2.01 -10.31 9.18
C VAL A 153 1.09 -10.74 10.35
N ARG A 154 0.83 -9.83 11.29
CA ARG A 154 -0.19 -10.04 12.35
C ARG A 154 -1.50 -10.54 11.77
N ALA A 155 -2.05 -9.82 10.81
CA ALA A 155 -3.30 -10.22 10.15
C ALA A 155 -3.23 -11.62 9.59
N GLU A 156 -2.11 -11.93 8.93
CA GLU A 156 -1.99 -13.28 8.28
C GLU A 156 -1.94 -14.40 9.31
N LEU A 157 -1.30 -14.10 10.45
CA LEU A 157 -1.25 -14.98 11.60
C LEU A 157 -2.65 -15.29 12.16
N GLN A 158 -3.44 -14.26 12.52
CA GLN A 158 -4.84 -14.44 12.94
C GLN A 158 -5.60 -15.37 12.05
N ALA A 159 -5.56 -15.08 10.76
CA ALA A 159 -6.45 -15.76 9.84
C ALA A 159 -5.99 -17.19 9.65
N SER A 160 -4.67 -17.42 9.78
CA SER A 160 -4.13 -18.77 9.66
C SER A 160 -4.37 -19.55 10.92
N TYR A 161 -4.21 -18.88 12.08
CA TYR A 161 -4.60 -19.42 13.36
C TYR A 161 -6.07 -19.87 13.36
N GLU A 162 -6.96 -18.96 12.96
CA GLU A 162 -8.39 -19.27 12.97
C GLU A 162 -8.75 -20.41 12.07
N TRP A 163 -8.19 -20.44 10.87
CA TRP A 163 -8.41 -21.60 9.99
C TRP A 163 -7.93 -22.89 10.62
N TYR A 164 -6.76 -22.85 11.25
CA TYR A 164 -6.18 -24.05 11.83
C TYR A 164 -7.13 -24.67 12.85
N VAL A 165 -7.60 -23.84 13.78
CA VAL A 165 -8.57 -24.20 14.82
C VAL A 165 -9.83 -24.83 14.21
N LYS A 166 -10.44 -24.16 13.23
CA LYS A 166 -11.61 -24.70 12.54
C LYS A 166 -11.38 -26.03 11.79
N HIS A 167 -10.31 -26.12 10.98
CA HIS A 167 -10.06 -27.32 10.11
C HIS A 167 -8.95 -28.30 10.55
N GLY A 168 -8.27 -28.06 11.67
CA GLY A 168 -7.17 -28.93 12.13
C GLY A 168 -5.94 -29.16 11.24
N SER A 169 -5.69 -28.26 10.29
CA SER A 169 -4.44 -28.27 9.53
C SER A 169 -3.99 -26.89 9.06
N CYS A 170 -2.73 -26.80 8.62
CA CYS A 170 -2.15 -25.56 8.07
C CYS A 170 -2.73 -25.19 6.70
N LEU A 171 -3.28 -23.98 6.60
CA LEU A 171 -3.96 -23.52 5.38
C LEU A 171 -2.94 -23.37 4.26
N HIS A 172 -1.76 -22.90 4.65
CA HIS A 172 -0.63 -22.75 3.74
C HIS A 172 -0.14 -24.09 3.21
N CYS A 173 -0.03 -25.10 4.07
CA CYS A 173 0.41 -26.41 3.63
C CYS A 173 -0.60 -26.94 2.63
N ARG A 174 -1.88 -26.72 2.93
CA ARG A 174 -2.97 -27.12 2.05
C ARG A 174 -2.94 -26.37 0.71
N ILE A 175 -2.64 -25.07 0.76
CA ILE A 175 -2.62 -24.24 -0.46
C ILE A 175 -1.51 -24.66 -1.41
N VAL A 176 -0.34 -24.89 -0.84
CA VAL A 176 0.83 -25.34 -1.58
C VAL A 176 0.62 -26.71 -2.29
N GLU A 177 -0.09 -27.63 -1.66
CA GLU A 177 -0.32 -28.94 -2.26
C GLU A 177 -1.13 -28.83 -3.55
N LYS A 178 -2.10 -27.93 -3.55
CA LYS A 178 -3.00 -27.75 -4.68
C LYS A 178 -2.53 -26.84 -5.81
N GLU A 179 -1.35 -26.24 -5.71
CA GLU A 179 -0.90 -25.32 -6.74
C GLU A 179 -0.29 -26.02 -7.94
N GLU A 180 -0.98 -25.97 -9.08
CA GLU A 180 -0.48 -26.57 -10.31
C GLU A 180 -0.54 -25.63 -11.51
N LYS A 181 -1.73 -25.05 -11.72
CA LYS A 181 -1.99 -24.15 -12.83
C LYS A 181 -1.15 -22.88 -12.75
N ARG A 182 -1.01 -22.35 -11.54
CA ARG A 182 -0.25 -21.14 -11.31
C ARG A 182 1.21 -21.40 -10.97
N LEU A 183 1.61 -22.67 -11.01
CA LEU A 183 2.98 -23.00 -10.70
C LEU A 183 3.90 -22.36 -11.72
N VAL A 184 5.00 -21.80 -11.23
CA VAL A 184 5.98 -21.11 -12.01
C VAL A 184 7.29 -21.87 -11.95
N PHE A 185 7.55 -22.48 -10.80
CA PHE A 185 8.76 -23.25 -10.58
C PHE A 185 8.60 -24.07 -9.32
N GLN A 186 9.22 -25.23 -9.34
CA GLN A 186 9.46 -25.95 -8.10
C GLN A 186 10.75 -26.73 -8.15
N ASN A 187 11.24 -27.04 -6.96
CA ASN A 187 12.35 -27.96 -6.82
C ASN A 187 12.07 -28.84 -5.59
N ARG A 188 13.11 -29.50 -5.15
CA ARG A 188 13.05 -30.49 -4.14
C ARG A 188 12.36 -30.00 -2.85
N ASN A 189 12.59 -28.73 -2.51
CA ASN A 189 12.14 -28.17 -1.22
C ASN A 189 11.21 -26.96 -1.23
N TRP A 190 10.91 -26.41 -2.43
CA TRP A 190 10.20 -25.14 -2.60
C TRP A 190 9.32 -25.16 -3.79
N LYS A 191 8.20 -24.45 -3.70
CA LYS A 191 7.32 -24.16 -4.84
C LYS A 191 7.12 -22.67 -4.98
N ALA A 192 7.03 -22.20 -6.21
CA ALA A 192 6.84 -20.79 -6.52
C ALA A 192 5.67 -20.71 -7.41
N PHE A 193 4.70 -19.91 -7.00
CA PHE A 193 3.48 -19.80 -7.74
C PHE A 193 2.87 -18.39 -7.62
N VAL A 194 2.07 -18.02 -8.61
CA VAL A 194 1.22 -16.85 -8.53
C VAL A 194 0.02 -17.29 -7.69
N PRO A 195 -0.27 -16.60 -6.58
CA PRO A 195 -1.38 -17.08 -5.77
C PRO A 195 -2.69 -16.69 -6.41
N PHE A 196 -3.74 -17.48 -6.22
CA PHE A 196 -5.11 -17.10 -6.63
C PHE A 196 -5.51 -15.64 -6.20
N TYR A 197 -5.04 -15.21 -5.04
CA TYR A 197 -5.38 -13.93 -4.42
C TYR A 197 -4.29 -12.83 -4.71
N ALA A 198 -3.55 -13.00 -5.79
CA ALA A 198 -2.48 -12.08 -6.18
C ALA A 198 -3.09 -10.73 -6.33
N LYS A 199 -2.44 -9.70 -5.79
CA LYS A 199 -2.93 -8.30 -5.96
C LYS A 199 -1.97 -7.32 -6.67
N TRP A 200 -0.73 -7.74 -6.96
CA TRP A 200 0.17 -6.90 -7.74
C TRP A 200 0.35 -7.46 -9.13
N PRO A 201 0.78 -6.63 -10.07
CA PRO A 201 0.77 -7.10 -11.45
C PRO A 201 1.62 -8.33 -11.72
N HIS A 202 2.72 -8.54 -10.98
CA HIS A 202 3.53 -9.75 -11.14
C HIS A 202 3.90 -10.28 -9.78
N GLU A 203 2.96 -10.99 -9.17
CA GLU A 203 3.13 -11.51 -7.81
C GLU A 203 3.48 -12.98 -7.80
N VAL A 204 4.55 -13.36 -7.08
CA VAL A 204 4.90 -14.75 -6.93
C VAL A 204 5.26 -14.98 -5.51
N HIS A 205 4.67 -16.04 -4.89
CA HIS A 205 5.02 -16.44 -3.51
C HIS A 205 5.83 -17.69 -3.58
N ILE A 206 6.84 -17.77 -2.73
CA ILE A 206 7.76 -18.89 -2.71
C ILE A 206 7.71 -19.51 -1.31
N TYR A 207 7.21 -20.75 -1.30
CA TYR A 207 6.89 -21.51 -0.06
C TYR A 207 7.74 -22.73 0.03
N PRO A 208 8.18 -23.11 1.23
CA PRO A 208 8.85 -24.41 1.38
C PRO A 208 7.83 -25.55 1.37
N LYS A 209 8.21 -26.68 0.78
CA LYS A 209 7.35 -27.83 0.71
C LYS A 209 7.16 -28.41 2.07
N ARG A 210 8.21 -28.50 2.86
CA ARG A 210 8.07 -28.93 4.25
C ARG A 210 7.44 -27.76 5.00
N HIS A 211 6.62 -28.03 5.99
CA HIS A 211 6.02 -26.93 6.74
C HIS A 211 7.10 -26.33 7.61
N ARG A 212 7.35 -25.03 7.40
CA ARG A 212 8.36 -24.30 8.15
C ARG A 212 7.79 -22.95 8.53
N SER A 213 8.13 -22.46 9.71
CA SER A 213 7.62 -21.17 10.17
C SER A 213 8.66 -20.15 10.36
N LEU A 214 9.90 -20.56 10.47
CA LEU A 214 10.99 -19.67 10.79
C LEU A 214 12.13 -20.03 9.92
N LEU A 215 12.77 -19.00 9.37
CA LEU A 215 13.90 -19.16 8.48
C LEU A 215 15.00 -20.03 9.08
N THR A 216 15.19 -19.90 10.39
CA THR A 216 16.23 -20.57 11.11
C THR A 216 16.02 -22.07 11.32
N GLU A 217 14.84 -22.60 10.97
CA GLU A 217 14.56 -24.03 10.96
C GLU A 217 15.09 -24.74 9.69
N LEU A 218 15.39 -23.93 8.67
CA LEU A 218 15.77 -24.46 7.34
C LEU A 218 17.07 -25.28 7.43
N THR A 219 17.06 -26.43 6.77
CA THR A 219 18.26 -27.30 6.66
C THR A 219 19.24 -26.71 5.64
N ASP A 220 20.47 -27.20 5.60
CA ASP A 220 21.48 -26.69 4.63
C ASP A 220 20.96 -26.94 3.21
N GLU A 221 20.37 -28.11 2.96
CA GLU A 221 19.80 -28.48 1.64
C GLU A 221 18.63 -27.55 1.28
N GLU A 222 17.77 -27.20 2.25
CA GLU A 222 16.63 -26.29 1.96
C GLU A 222 17.16 -24.89 1.61
N VAL A 223 18.15 -24.39 2.37
CA VAL A 223 18.78 -23.10 2.03
C VAL A 223 19.33 -23.15 0.59
N ALA A 224 20.06 -24.20 0.24
CA ALA A 224 20.61 -24.30 -1.10
C ALA A 224 19.49 -24.25 -2.13
N ASP A 225 18.44 -25.01 -1.91
CA ASP A 225 17.33 -24.97 -2.84
C ASP A 225 16.55 -23.66 -2.85
N LEU A 226 16.55 -22.93 -1.72
CA LEU A 226 15.98 -21.58 -1.68
C LEU A 226 16.80 -20.65 -2.59
N ALA A 227 18.11 -20.73 -2.47
CA ALA A 227 19.00 -19.93 -3.31
C ALA A 227 18.60 -20.08 -4.77
N GLU A 228 18.46 -21.32 -5.21
CA GLU A 228 18.01 -21.58 -6.57
C GLU A 228 16.62 -21.05 -6.89
N ALA A 229 15.69 -21.26 -5.99
CA ALA A 229 14.32 -20.85 -6.32
C ALA A 229 14.24 -19.33 -6.51
N LEU A 230 14.93 -18.61 -5.64
CA LEU A 230 15.00 -17.16 -5.74
C LEU A 230 15.68 -16.68 -7.02
N LYS A 231 16.75 -17.33 -7.38
CA LYS A 231 17.47 -16.95 -8.57
C LYS A 231 16.61 -17.12 -9.79
N ILE A 232 16.00 -18.29 -9.94
CA ILE A 232 15.28 -18.57 -11.16
C ILE A 232 14.01 -17.74 -11.24
N THR A 233 13.29 -17.63 -10.14
CA THR A 233 12.08 -16.84 -10.10
C THR A 233 12.39 -15.38 -10.41
N LEU A 234 13.43 -14.83 -9.76
CA LEU A 234 13.77 -13.39 -9.94
C LEU A 234 14.32 -13.18 -11.33
N CYS A 235 15.11 -14.12 -11.82
CA CYS A 235 15.44 -14.17 -13.24
C CYS A 235 14.20 -14.16 -14.10
N ALA A 236 13.17 -14.92 -13.75
CA ALA A 236 11.96 -14.88 -14.59
C ALA A 236 11.30 -13.48 -14.68
N LEU A 237 11.21 -12.79 -13.56
CA LEU A 237 10.58 -11.45 -13.53
C LEU A 237 11.43 -10.37 -14.17
N LYS A 238 12.74 -10.48 -14.05
CA LYS A 238 13.65 -9.62 -14.78
C LYS A 238 13.41 -9.64 -16.29
N GLN A 239 13.09 -10.80 -16.83
CA GLN A 239 12.95 -11.00 -18.28
C GLN A 239 11.54 -10.82 -18.81
N VAL A 240 10.55 -11.16 -17.98
CA VAL A 240 9.13 -11.28 -18.41
C VAL A 240 8.57 -10.07 -19.15
N ALA A 241 8.98 -8.85 -18.84
CA ALA A 241 8.33 -7.71 -19.54
C ALA A 241 9.20 -7.11 -20.64
N GLY A 242 10.43 -7.58 -20.82
CA GLY A 242 11.31 -7.02 -21.86
C GLY A 242 12.53 -6.39 -21.21
N ILE A 243 12.32 -5.49 -20.27
CA ILE A 243 13.39 -4.98 -19.48
C ILE A 243 13.26 -5.35 -18.00
N PRO A 244 14.36 -5.28 -17.29
CA PRO A 244 14.43 -5.47 -15.83
C PRO A 244 13.30 -4.77 -15.07
N MET A 245 12.66 -5.51 -14.18
CA MET A 245 11.42 -5.07 -13.57
C MET A 245 11.73 -4.67 -12.14
N PRO A 246 11.26 -3.51 -11.73
CA PRO A 246 11.45 -3.24 -10.29
C PRO A 246 10.49 -4.11 -9.48
N TYR A 247 10.86 -4.43 -8.25
CA TYR A 247 10.07 -5.36 -7.47
C TYR A 247 10.36 -5.15 -6.01
N ILE A 248 9.45 -5.71 -5.23
CA ILE A 248 9.52 -5.74 -3.79
C ILE A 248 9.53 -7.22 -3.38
N MET A 249 10.40 -7.62 -2.46
CA MET A 249 10.36 -8.94 -1.87
C MET A 249 10.30 -8.85 -0.35
N VAL A 250 9.39 -9.59 0.26
CA VAL A 250 9.33 -9.64 1.71
C VAL A 250 9.19 -11.09 2.20
N LEU A 251 9.86 -11.39 3.30
CA LEU A 251 9.76 -12.68 3.98
C LEU A 251 8.73 -12.61 5.10
N HIS A 252 7.66 -13.35 4.92
CA HIS A 252 6.63 -13.53 5.90
C HIS A 252 6.91 -14.80 6.64
N GLN A 253 7.29 -14.65 7.90
CA GLN A 253 7.55 -15.77 8.79
C GLN A 253 6.94 -15.47 10.18
N ALA A 254 7.04 -16.44 11.08
CA ALA A 254 6.38 -16.32 12.37
C ALA A 254 7.18 -15.35 13.21
N PRO A 255 6.67 -15.07 14.40
CA PRO A 255 7.39 -14.24 15.38
C PRO A 255 8.61 -15.02 15.88
N LEU A 256 9.55 -14.28 16.47
CA LEU A 256 10.72 -14.89 17.16
C LEU A 256 10.24 -15.34 18.55
N PRO A 257 10.83 -16.42 19.09
CA PRO A 257 11.65 -17.38 18.36
C PRO A 257 11.03 -18.78 18.37
N ARG A 258 9.72 -18.88 18.64
CA ARG A 258 9.07 -20.21 18.72
C ARG A 258 8.24 -20.52 17.46
N PRO A 259 8.54 -21.65 16.84
CA PRO A 259 7.87 -22.15 15.65
C PRO A 259 6.34 -22.31 15.83
N THR A 260 5.61 -22.14 14.72
CA THR A 260 4.15 -22.22 14.73
C THR A 260 3.64 -23.32 13.83
N GLN A 261 2.65 -24.07 14.33
CA GLN A 261 2.08 -25.14 13.53
C GLN A 261 1.04 -24.61 12.53
N TYR A 262 0.47 -23.42 12.79
CA TYR A 262 -0.59 -22.82 11.97
C TYR A 262 -0.09 -21.81 10.91
N TYR A 263 1.16 -21.32 11.06
CA TYR A 263 1.76 -20.40 10.10
C TYR A 263 2.96 -21.03 9.45
N HIS A 264 3.21 -20.61 8.22
CA HIS A 264 4.10 -21.31 7.33
C HIS A 264 4.81 -20.21 6.55
N LEU A 265 6.13 -20.14 6.71
CA LEU A 265 6.88 -19.07 6.14
C LEU A 265 6.85 -19.02 4.60
N HIS A 266 6.89 -17.80 4.05
CA HIS A 266 7.02 -17.63 2.61
C HIS A 266 7.58 -16.29 2.22
N PHE A 267 8.12 -16.22 1.00
CA PHE A 267 8.59 -14.97 0.43
C PHE A 267 7.52 -14.48 -0.50
N GLU A 268 7.09 -13.23 -0.42
CA GLU A 268 6.22 -12.65 -1.45
C GLU A 268 7.00 -11.70 -2.35
N ILE A 269 6.84 -11.81 -3.67
CA ILE A 269 7.54 -10.95 -4.60
C ILE A 269 6.47 -10.15 -5.37
N TYR A 270 6.53 -8.81 -5.32
CA TYR A 270 5.61 -7.94 -6.06
C TYR A 270 6.35 -7.25 -7.19
N GLY A 271 6.28 -7.79 -8.39
CA GLY A 271 6.86 -7.16 -9.55
C GLY A 271 5.91 -6.06 -9.99
N MET A 272 6.46 -4.85 -10.16
CA MET A 272 5.62 -3.68 -10.28
C MET A 272 5.38 -3.13 -11.68
N TYR A 273 5.80 -3.81 -12.74
CA TYR A 273 5.35 -3.45 -14.07
C TYR A 273 4.12 -4.23 -14.44
N ARG A 274 3.11 -3.55 -14.99
CA ARG A 274 2.03 -4.22 -15.69
C ARG A 274 2.59 -4.91 -16.94
N PRO A 275 1.80 -5.80 -17.60
CA PRO A 275 2.27 -6.48 -18.83
C PRO A 275 2.86 -5.55 -19.89
N ASP A 276 2.23 -4.40 -20.05
CA ASP A 276 2.68 -3.34 -20.96
C ASP A 276 4.02 -2.68 -20.62
N GLY A 277 4.56 -2.92 -19.41
CA GLY A 277 5.88 -2.37 -19.00
C GLY A 277 5.89 -1.00 -18.33
N LYS A 278 4.70 -0.45 -18.06
CA LYS A 278 4.58 0.79 -17.28
C LYS A 278 4.47 0.44 -15.78
N LEU A 279 4.92 1.36 -14.97
CA LEU A 279 4.95 1.13 -13.55
C LEU A 279 3.55 1.22 -12.94
N LYS A 280 3.20 0.29 -12.06
CA LYS A 280 1.99 0.46 -11.24
C LYS A 280 2.34 1.10 -9.92
N HIS A 281 1.50 2.06 -9.51
CA HIS A 281 1.69 2.74 -8.25
C HIS A 281 0.53 2.41 -7.35
N ALA A 282 0.82 2.12 -6.08
CA ALA A 282 -0.28 1.91 -5.16
C ALA A 282 -0.91 3.30 -5.04
N ALA A 283 -2.23 3.39 -5.25
CA ALA A 283 -2.96 4.66 -5.21
C ALA A 283 -4.08 4.74 -4.17
N GLY A 284 -5.14 5.49 -4.50
CA GLY A 284 -6.27 5.67 -3.60
C GLY A 284 -7.02 4.39 -3.26
N ALA A 285 -7.32 3.58 -4.26
CA ALA A 285 -7.94 2.29 -4.02
C ALA A 285 -7.08 1.42 -3.10
N GLU A 286 -5.80 1.30 -3.43
CA GLU A 286 -4.84 0.48 -2.66
C GLU A 286 -4.46 1.06 -1.29
N LEU A 287 -3.91 2.25 -1.26
CA LEU A 287 -3.50 2.86 0.03
C LEU A 287 -4.69 3.32 0.85
N GLY A 288 -5.63 3.95 0.15
CA GLY A 288 -6.81 4.58 0.79
C GLY A 288 -7.92 3.63 1.17
N ALA A 289 -8.00 2.49 0.52
CA ALA A 289 -9.07 1.59 0.82
C ALA A 289 -8.69 0.13 0.96
N SER A 290 -7.41 -0.22 0.77
CA SER A 290 -6.96 -1.61 0.69
C SER A 290 -7.83 -2.40 -0.27
N LEU A 291 -8.11 -1.83 -1.43
CA LEU A 291 -8.72 -2.59 -2.54
C LEU A 291 -7.72 -2.59 -3.64
N PHE A 292 -7.64 -3.71 -4.36
CA PHE A 292 -6.63 -3.91 -5.37
C PHE A 292 -7.33 -4.30 -6.62
N THR A 293 -6.76 -3.96 -7.76
CA THR A 293 -7.36 -4.26 -9.06
C THR A 293 -6.32 -4.94 -9.90
N LEU A 294 -6.75 -5.80 -10.79
CA LEU A 294 -5.89 -6.43 -11.78
C LEU A 294 -6.50 -6.37 -13.19
N ASP A 295 -5.65 -6.14 -14.18
CA ASP A 295 -6.09 -6.02 -15.54
C ASP A 295 -5.80 -7.32 -16.28
N THR A 296 -5.16 -8.26 -15.61
CA THR A 296 -4.84 -9.55 -16.17
C THR A 296 -5.07 -10.64 -15.10
N THR A 297 -5.51 -11.82 -15.51
CA THR A 297 -5.78 -12.88 -14.54
C THR A 297 -4.47 -13.34 -13.96
N PRO A 298 -4.47 -13.72 -12.68
CA PRO A 298 -3.32 -14.43 -12.10
C PRO A 298 -2.91 -15.67 -12.89
N GLU A 299 -3.89 -16.36 -13.46
CA GLU A 299 -3.63 -17.53 -14.31
C GLU A 299 -2.81 -17.18 -15.58
N GLU A 300 -3.22 -16.18 -16.32
CA GLU A 300 -2.50 -15.76 -17.54
C GLU A 300 -1.12 -15.23 -17.16
N THR A 301 -1.05 -14.41 -16.11
CA THR A 301 0.27 -13.97 -15.61
C THR A 301 1.21 -15.13 -15.16
N ALA A 302 0.62 -16.15 -14.57
CA ALA A 302 1.39 -17.31 -14.19
C ALA A 302 1.94 -17.99 -15.42
N ALA A 303 1.13 -18.09 -16.46
CA ALA A 303 1.60 -18.67 -17.73
C ALA A 303 2.72 -17.81 -18.32
N ARG A 304 2.56 -16.49 -18.31
CA ARG A 304 3.60 -15.58 -18.88
C ARG A 304 4.90 -15.71 -18.14
N ILE A 305 4.88 -15.63 -16.81
CA ILE A 305 6.09 -15.80 -15.96
C ILE A 305 6.74 -17.19 -16.20
N LYS A 306 5.91 -18.23 -16.14
CA LYS A 306 6.35 -19.62 -16.33
C LYS A 306 7.01 -19.79 -17.71
N ALA A 307 6.44 -19.18 -18.73
CA ALA A 307 7.05 -19.21 -20.08
C ALA A 307 8.38 -18.45 -20.11
N ALA A 308 8.46 -17.30 -19.42
CA ALA A 308 9.73 -16.56 -19.32
C ALA A 308 10.77 -17.28 -18.52
N LEU A 309 10.32 -18.13 -17.61
CA LEU A 309 11.20 -18.77 -16.65
C LEU A 309 11.99 -19.88 -17.30
N GLN A 310 11.41 -20.47 -18.35
CA GLN A 310 12.08 -21.56 -19.09
C GLN A 310 13.44 -21.11 -19.63
N LYS A 311 13.53 -19.86 -20.03
CA LYS A 311 14.80 -19.28 -20.47
C LYS A 311 15.81 -19.24 -19.34
N CYS A 312 15.33 -19.18 -18.10
CA CYS A 312 16.19 -19.06 -16.91
C CYS A 312 16.71 -20.43 -16.34
N LEU A 313 16.05 -21.56 -16.64
CA LEU A 313 16.52 -22.88 -16.15
C LEU A 313 17.98 -23.09 -16.58
N LYS A 314 18.86 -23.17 -15.58
CA LYS A 314 20.34 -23.07 -15.70
C LYS A 314 20.95 -22.69 -14.33
N MET B 1 -13.63 -12.03 -15.12
CA MET B 1 -14.06 -10.95 -14.18
C MET B 1 -14.69 -11.46 -12.87
N GLU B 2 -14.15 -11.03 -11.73
CA GLU B 2 -14.69 -11.31 -10.38
C GLU B 2 -13.93 -10.61 -9.26
N ILE B 3 -14.55 -10.52 -8.10
CA ILE B 3 -13.91 -10.06 -6.88
C ILE B 3 -13.42 -11.27 -6.07
N ARG B 4 -12.09 -11.47 -6.07
CA ARG B 4 -11.42 -12.54 -5.30
C ARG B 4 -11.11 -12.05 -3.90
N LYS B 5 -10.81 -12.98 -2.99
CA LYS B 5 -10.57 -12.61 -1.59
C LYS B 5 -9.29 -13.28 -1.09
N ASP B 6 -8.47 -12.54 -0.36
CA ASP B 6 -7.20 -13.03 0.16
C ASP B 6 -7.53 -13.67 1.52
N PRO B 7 -7.27 -14.99 1.66
CA PRO B 7 -7.73 -15.71 2.85
C PRO B 7 -6.88 -15.41 4.06
N PHE B 8 -5.71 -14.80 3.88
CA PHE B 8 -4.89 -14.36 5.03
C PHE B 8 -5.10 -12.92 5.50
N THR B 9 -5.46 -12.03 4.58
CA THR B 9 -5.66 -10.60 4.91
C THR B 9 -7.11 -10.17 4.87
N GLY B 10 -7.95 -10.91 4.15
CA GLY B 10 -9.34 -10.50 3.90
C GLY B 10 -9.48 -9.38 2.86
N GLU B 11 -8.38 -9.00 2.23
CA GLU B 11 -8.42 -7.94 1.23
C GLU B 11 -9.03 -8.48 -0.03
N TYR B 12 -9.71 -7.60 -0.78
CA TYR B 12 -10.37 -8.01 -2.01
C TYR B 12 -9.55 -7.54 -3.18
N ILE B 13 -9.57 -8.35 -4.23
CA ILE B 13 -8.91 -8.01 -5.46
C ILE B 13 -9.95 -7.97 -6.56
N LEU B 14 -10.11 -6.81 -7.20
CA LEU B 14 -11.03 -6.64 -8.30
C LEU B 14 -10.35 -7.09 -9.57
N VAL B 15 -10.51 -8.38 -9.87
CA VAL B 15 -9.98 -8.95 -11.10
C VAL B 15 -10.99 -8.62 -12.21
N SER B 16 -10.56 -7.83 -13.20
CA SER B 16 -11.41 -7.49 -14.34
C SER B 16 -10.46 -7.24 -15.48
N PRO B 17 -10.19 -8.31 -16.26
CA PRO B 17 -9.35 -8.27 -17.43
C PRO B 17 -9.84 -7.35 -18.54
N HIS B 18 -8.92 -6.55 -19.06
CA HIS B 18 -9.11 -5.89 -20.33
C HIS B 18 -7.77 -5.90 -21.06
N ARG B 19 -7.83 -5.92 -22.39
CA ARG B 19 -6.61 -5.92 -23.17
C ARG B 19 -5.90 -4.60 -22.90
N LEU B 20 -4.58 -4.65 -22.78
CA LEU B 20 -3.79 -3.46 -22.50
C LEU B 20 -3.26 -2.87 -23.79
N LYS B 21 -3.40 -1.56 -23.94
CA LYS B 21 -2.95 -0.88 -25.15
C LYS B 21 -1.45 -1.02 -25.35
N ARG B 22 -1.06 -1.25 -26.60
CA ARG B 22 0.33 -1.41 -26.99
C ARG B 22 0.97 -0.03 -26.96
N PRO B 23 2.32 0.04 -26.88
CA PRO B 23 3.00 1.33 -26.94
C PRO B 23 2.82 2.15 -28.28
N TRP B 24 2.49 1.45 -29.38
CA TRP B 24 2.18 2.08 -30.68
C TRP B 24 0.72 2.49 -30.84
N GLN B 25 -0.14 2.17 -29.87
CA GLN B 25 -1.54 2.59 -29.92
C GLN B 25 -1.64 3.99 -29.32
N PRO B 26 -2.20 4.96 -30.06
CA PRO B 26 -2.36 6.30 -29.46
C PRO B 26 -3.15 6.30 -28.13
N GLU B 27 -2.89 7.27 -27.26
CA GLU B 27 -3.76 7.49 -26.07
C GLU B 27 -5.14 7.90 -26.59
N GLY B 28 -5.16 8.73 -27.61
CA GLY B 28 -6.41 9.12 -28.22
C GLY B 28 -7.08 10.26 -27.46
N ALA B 29 -8.16 10.75 -28.06
CA ALA B 29 -8.92 11.89 -27.58
C ALA B 29 -9.26 11.72 -26.10
N CYS B 30 -9.04 12.79 -25.33
CA CYS B 30 -9.45 12.81 -23.94
C CYS B 30 -10.91 12.31 -23.80
N PRO B 31 -11.09 11.26 -22.99
CA PRO B 31 -12.45 10.70 -22.81
C PRO B 31 -13.37 11.54 -21.94
N PHE B 32 -12.83 12.61 -21.30
CA PHE B 32 -13.57 13.45 -20.36
C PHE B 32 -13.91 14.87 -20.89
N CYS B 33 -13.35 15.26 -22.03
CA CYS B 33 -13.66 16.59 -22.57
C CYS B 33 -15.05 16.61 -23.13
N PRO B 34 -15.79 17.75 -22.96
CA PRO B 34 -17.09 17.91 -23.59
C PRO B 34 -17.03 17.92 -25.12
N GLY B 35 -18.19 17.75 -25.74
CA GLY B 35 -18.29 17.87 -27.20
C GLY B 35 -18.07 16.59 -28.00
N ALA B 36 -18.06 15.43 -27.32
CA ALA B 36 -18.05 14.12 -27.99
C ALA B 36 -19.41 13.46 -27.67
N PRO B 37 -19.90 12.54 -28.52
CA PRO B 37 -21.21 11.91 -28.23
C PRO B 37 -21.31 11.22 -26.85
N GLU B 38 -20.17 10.72 -26.34
CA GLU B 38 -20.05 10.18 -24.98
C GLU B 38 -20.34 11.21 -23.87
N THR B 39 -19.79 12.41 -24.05
CA THR B 39 -19.71 13.43 -23.00
C THR B 39 -20.81 14.52 -23.02
N GLY B 40 -21.37 14.80 -24.20
CA GLY B 40 -22.40 15.85 -24.30
C GLY B 40 -21.80 17.24 -24.17
N ARG B 41 -22.64 18.25 -23.92
CA ARG B 41 -22.14 19.63 -23.79
C ARG B 41 -22.98 20.45 -22.83
N GLY B 42 -22.45 21.61 -22.44
CA GLY B 42 -23.15 22.59 -21.59
C GLY B 42 -23.13 22.24 -20.13
N TRP B 43 -22.31 21.27 -19.76
CA TRP B 43 -22.26 20.81 -18.39
C TRP B 43 -21.09 21.44 -17.67
N ASP B 44 -21.22 21.43 -16.35
CA ASP B 44 -20.13 21.82 -15.41
C ASP B 44 -19.40 20.62 -14.84
N VAL B 45 -20.17 19.56 -14.58
CA VAL B 45 -19.72 18.33 -13.98
C VAL B 45 -20.36 17.15 -14.73
N LEU B 46 -19.56 16.14 -15.03
CA LEU B 46 -20.06 14.96 -15.75
C LEU B 46 -19.67 13.70 -14.99
N ILE B 47 -20.66 12.95 -14.55
CA ILE B 47 -20.39 11.65 -13.98
C ILE B 47 -20.68 10.60 -15.04
N LEU B 48 -19.69 9.80 -15.41
CA LEU B 48 -19.90 8.78 -16.42
C LEU B 48 -19.21 7.43 -16.10
N PRO B 49 -19.70 6.33 -16.71
CA PRO B 49 -19.03 5.03 -16.61
C PRO B 49 -17.56 5.07 -16.99
N ASN B 50 -16.75 4.46 -16.15
CA ASN B 50 -15.38 4.16 -16.49
C ASN B 50 -15.35 3.32 -17.78
N ARG B 51 -14.43 3.61 -18.69
CA ARG B 51 -14.31 2.81 -19.93
C ARG B 51 -13.94 1.31 -19.67
N TYR B 52 -13.21 1.05 -18.60
CA TYR B 52 -12.74 -0.29 -18.22
C TYR B 52 -13.24 -0.55 -16.79
N PRO B 53 -14.52 -0.93 -16.64
CA PRO B 53 -15.05 -1.02 -15.27
C PRO B 53 -14.50 -2.22 -14.47
N VAL B 54 -14.34 -2.02 -13.17
CA VAL B 54 -13.83 -3.08 -12.27
C VAL B 54 -14.95 -3.81 -11.56
N VAL B 55 -16.12 -3.16 -11.56
CA VAL B 55 -17.42 -3.70 -11.06
C VAL B 55 -18.48 -3.36 -12.13
N THR B 56 -19.42 -4.26 -12.41
CA THR B 56 -20.43 -4.01 -13.48
C THR B 56 -21.83 -4.46 -13.04
N GLU B 57 -22.87 -3.94 -13.71
CA GLU B 57 -24.30 -4.25 -13.39
C GLU B 57 -24.62 -5.74 -13.60
N ASN B 58 -24.21 -6.34 -14.72
CA ASN B 58 -24.43 -7.77 -14.95
C ASN B 58 -23.10 -8.45 -15.21
N PRO B 59 -22.34 -8.70 -14.12
CA PRO B 59 -20.98 -9.23 -14.25
C PRO B 59 -20.96 -10.70 -14.65
N PRO B 60 -19.93 -11.13 -15.44
CA PRO B 60 -19.83 -12.56 -15.75
C PRO B 60 -19.86 -13.41 -14.51
N GLU B 61 -20.04 -14.71 -14.71
CA GLU B 61 -20.12 -15.60 -13.58
C GLU B 61 -18.68 -15.63 -13.01
N PRO B 62 -18.54 -15.52 -11.65
CA PRO B 62 -17.21 -15.54 -11.04
C PRO B 62 -16.42 -16.84 -11.25
N THR B 63 -15.14 -16.71 -11.59
CA THR B 63 -14.17 -17.82 -11.54
C THR B 63 -14.08 -18.34 -10.11
N ALA B 64 -14.19 -19.67 -9.96
CA ALA B 64 -14.22 -20.32 -8.64
C ALA B 64 -12.98 -21.21 -8.42
N GLU B 65 -12.55 -21.32 -7.17
CA GLU B 65 -11.49 -22.26 -6.81
C GLU B 65 -11.65 -22.68 -5.36
N ASP B 66 -11.52 -23.99 -5.15
CA ASP B 66 -11.99 -24.69 -3.94
C ASP B 66 -11.76 -23.99 -2.58
N LEU B 67 -10.52 -23.57 -2.30
CA LEU B 67 -10.17 -22.99 -1.00
C LEU B 67 -10.53 -21.50 -0.85
N TYR B 68 -10.93 -20.86 -1.94
CA TYR B 68 -11.01 -19.38 -1.98
C TYR B 68 -12.47 -18.90 -2.11
N GLU B 69 -12.74 -17.76 -1.48
CA GLU B 69 -14.00 -17.04 -1.60
C GLU B 69 -13.94 -16.06 -2.77
N VAL B 70 -14.93 -16.18 -3.66
CA VAL B 70 -15.05 -15.30 -4.86
C VAL B 70 -16.46 -14.70 -4.88
N ILE B 71 -16.55 -13.39 -5.12
CA ILE B 71 -17.86 -12.67 -5.17
C ILE B 71 -18.01 -12.05 -6.56
N PRO B 72 -19.22 -12.06 -7.12
CA PRO B 72 -19.43 -11.49 -8.45
C PRO B 72 -19.09 -9.99 -8.43
N ALA B 73 -18.41 -9.51 -9.47
CA ALA B 73 -17.97 -8.11 -9.55
C ALA B 73 -19.16 -7.26 -9.90
N ARG B 74 -19.92 -6.93 -8.87
CA ARG B 74 -21.15 -6.25 -9.05
C ARG B 74 -21.25 -4.88 -8.48
N GLY B 75 -21.51 -3.93 -9.37
CA GLY B 75 -21.82 -2.55 -8.98
C GLY B 75 -21.47 -1.57 -10.08
N SER B 76 -21.02 -0.39 -9.69
CA SER B 76 -20.68 0.62 -10.69
C SER B 76 -19.28 1.18 -10.50
N SER B 77 -18.58 1.37 -11.61
CA SER B 77 -17.36 2.16 -11.58
C SER B 77 -17.57 3.45 -12.38
N LEU B 78 -17.44 4.60 -11.72
CA LEU B 78 -17.72 5.89 -12.37
C LEU B 78 -16.58 6.87 -12.29
N VAL B 79 -16.53 7.76 -13.28
CA VAL B 79 -15.59 8.88 -13.28
C VAL B 79 -16.35 10.18 -13.03
N VAL B 80 -15.90 10.95 -12.05
CA VAL B 80 -16.43 12.28 -11.83
C VAL B 80 -15.53 13.23 -12.59
N VAL B 81 -16.00 13.70 -13.74
CA VAL B 81 -15.29 14.76 -14.48
C VAL B 81 -15.61 16.09 -13.82
N GLU B 82 -14.57 16.73 -13.31
CA GLU B 82 -14.68 17.85 -12.38
C GLU B 82 -14.89 19.24 -13.00
N THR B 83 -14.71 19.33 -14.30
CA THR B 83 -14.78 20.58 -15.04
C THR B 83 -14.64 20.24 -16.53
N PRO B 84 -15.21 21.07 -17.43
CA PRO B 84 -14.98 20.84 -18.85
C PRO B 84 -13.57 21.23 -19.33
N GLN B 85 -12.79 21.95 -18.52
CA GLN B 85 -11.42 22.37 -18.90
C GLN B 85 -10.39 21.26 -18.80
N HIS B 86 -9.52 21.17 -19.80
CA HIS B 86 -8.54 20.09 -19.86
C HIS B 86 -7.23 20.46 -19.16
N ASP B 87 -6.76 21.70 -19.25
CA ASP B 87 -5.40 22.07 -18.81
C ASP B 87 -5.31 22.62 -17.38
N VAL B 88 -6.31 22.41 -16.56
CA VAL B 88 -6.17 22.75 -15.15
C VAL B 88 -5.38 21.65 -14.51
N ASP B 89 -4.38 22.00 -13.70
CA ASP B 89 -3.60 21.04 -12.93
C ASP B 89 -4.36 20.24 -11.84
N ASP B 90 -5.15 20.92 -11.02
CA ASP B 90 -5.70 20.34 -9.80
C ASP B 90 -7.08 20.84 -9.45
N LEU B 91 -7.84 19.97 -8.78
CA LEU B 91 -9.10 20.31 -8.11
C LEU B 91 -9.06 21.62 -7.35
N SER B 92 -8.00 21.81 -6.60
CA SER B 92 -7.74 23.05 -5.89
C SER B 92 -7.67 24.25 -6.79
N ASP B 93 -7.33 24.07 -8.07
CA ASP B 93 -7.28 25.21 -8.98
C ASP B 93 -8.63 25.77 -9.38
N LEU B 94 -9.67 24.98 -9.20
CA LEU B 94 -11.00 25.37 -9.58
C LEU B 94 -11.66 26.35 -8.61
N PRO B 95 -12.62 27.17 -9.11
CA PRO B 95 -13.36 28.07 -8.22
C PRO B 95 -14.23 27.33 -7.20
N LEU B 96 -14.40 27.98 -6.04
CA LEU B 96 -15.19 27.46 -4.92
C LEU B 96 -16.57 26.90 -5.30
N GLY B 97 -17.25 27.60 -6.20
CA GLY B 97 -18.60 27.17 -6.61
C GLY B 97 -18.57 25.99 -7.54
N GLN B 98 -17.49 25.88 -8.31
CA GLN B 98 -17.24 24.71 -9.16
C GLN B 98 -16.98 23.48 -8.26
N ILE B 99 -16.18 23.65 -7.24
CA ILE B 99 -15.94 22.56 -6.28
C ILE B 99 -17.26 22.12 -5.63
N LYS B 100 -18.11 23.09 -5.27
CA LYS B 100 -19.43 22.80 -4.71
C LYS B 100 -20.28 21.93 -5.58
N LYS B 101 -20.26 22.18 -6.88
CA LYS B 101 -21.07 21.39 -7.82
C LYS B 101 -20.58 19.96 -7.91
N ILE B 102 -19.26 19.80 -8.01
CA ILE B 102 -18.65 18.43 -7.98
C ILE B 102 -19.16 17.67 -6.72
N LEU B 103 -19.03 18.30 -5.56
CA LEU B 103 -19.45 17.63 -4.30
C LEU B 103 -20.92 17.22 -4.30
N THR B 104 -21.77 18.22 -4.59
CA THR B 104 -23.20 18.08 -4.79
C THR B 104 -23.54 16.97 -5.79
N ALA B 105 -22.78 16.89 -6.88
CA ALA B 105 -23.07 15.84 -7.89
C ALA B 105 -22.72 14.47 -7.36
N VAL B 106 -21.62 14.38 -6.59
CA VAL B 106 -21.21 13.13 -5.96
C VAL B 106 -22.28 12.71 -4.94
N ALA B 107 -22.59 13.63 -4.02
CA ALA B 107 -23.67 13.42 -3.01
C ALA B 107 -24.90 12.83 -3.68
N GLU B 108 -25.31 13.45 -4.79
CA GLU B 108 -26.47 13.00 -5.55
C GLU B 108 -26.33 11.58 -6.15
N ALA B 109 -25.12 11.24 -6.64
CA ALA B 109 -24.86 9.86 -7.12
C ALA B 109 -25.02 8.90 -5.96
N GLN B 110 -24.59 9.31 -4.76
CA GLN B 110 -24.73 8.43 -3.58
C GLN B 110 -26.19 8.19 -3.25
N ARG B 111 -27.01 9.25 -3.34
CA ARG B 111 -28.47 9.14 -3.10
C ARG B 111 -29.07 8.09 -4.01
N LYS B 112 -28.80 8.19 -5.29
CA LYS B 112 -29.24 7.17 -6.23
C LYS B 112 -28.85 5.76 -5.77
N ALA B 113 -27.59 5.59 -5.33
CA ALA B 113 -27.10 4.28 -4.94
C ALA B 113 -27.74 3.78 -3.65
N GLU B 114 -27.91 4.69 -2.70
CA GLU B 114 -28.63 4.42 -1.43
C GLU B 114 -30.07 3.91 -1.68
N LYS B 115 -30.82 4.71 -2.42
CA LYS B 115 -32.18 4.38 -2.76
C LYS B 115 -32.23 2.99 -3.37
N GLU B 116 -31.42 2.77 -4.40
CA GLU B 116 -31.42 1.53 -5.16
C GLU B 116 -31.31 0.29 -4.26
N GLY B 117 -30.55 0.41 -3.16
CA GLY B 117 -30.58 -0.57 -2.05
C GLY B 117 -29.73 -1.84 -2.12
N ASN B 118 -29.00 -2.06 -3.21
CA ASN B 118 -28.11 -3.24 -3.38
C ASN B 118 -26.73 -2.96 -2.85
N ALA B 119 -26.11 -1.91 -3.39
CA ALA B 119 -24.73 -1.57 -3.17
C ALA B 119 -24.43 -1.45 -1.69
N ALA B 120 -23.45 -2.23 -1.23
CA ALA B 120 -22.98 -2.14 0.17
C ALA B 120 -22.21 -0.87 0.45
N TYR B 121 -21.52 -0.30 -0.57
CA TYR B 121 -20.58 0.79 -0.28
C TYR B 121 -20.40 1.73 -1.44
N PHE B 122 -20.29 3.02 -1.10
CA PHE B 122 -20.00 4.09 -2.07
C PHE B 122 -18.59 4.61 -1.80
N LEU B 123 -17.65 4.31 -2.71
CA LEU B 123 -16.24 4.71 -2.48
C LEU B 123 -15.87 5.82 -3.45
N PHE B 124 -15.63 6.98 -2.88
CA PHE B 124 -15.11 8.13 -3.59
C PHE B 124 -13.63 8.35 -3.31
N PHE B 125 -12.83 8.42 -4.39
CA PHE B 125 -11.44 8.80 -4.28
C PHE B 125 -10.93 9.53 -5.48
N ARG B 126 -9.75 10.10 -5.29
CA ARG B 126 -9.07 10.86 -6.33
C ARG B 126 -7.56 10.61 -6.25
N ASN B 127 -6.98 10.23 -7.39
CA ASN B 127 -5.55 10.19 -7.64
C ASN B 127 -5.07 11.41 -8.44
N LYS B 128 -3.94 11.96 -8.06
CA LYS B 128 -3.42 13.14 -8.70
C LYS B 128 -1.90 13.08 -8.86
N GLY B 129 -1.44 13.40 -10.08
CA GLY B 129 -0.01 13.45 -10.39
C GLY B 129 0.44 12.37 -11.37
N LYS B 130 1.10 12.79 -12.44
CA LYS B 130 1.75 11.87 -13.39
C LYS B 130 2.63 10.87 -12.64
N GLU B 131 3.35 11.37 -11.64
CA GLU B 131 4.32 10.58 -10.89
C GLU B 131 3.76 9.45 -10.08
N ILE B 132 2.45 9.43 -9.87
CA ILE B 132 1.81 8.27 -9.26
C ILE B 132 0.87 7.57 -10.22
N GLY B 133 1.16 7.68 -11.51
CA GLY B 133 0.43 6.94 -12.56
C GLY B 133 -0.89 7.51 -13.08
N VAL B 134 -1.13 8.80 -12.88
CA VAL B 134 -2.28 9.46 -13.47
C VAL B 134 -1.87 9.95 -14.88
N SER B 135 -2.13 9.13 -15.88
CA SER B 135 -1.86 9.45 -17.27
C SER B 135 -2.96 10.35 -17.88
N LEU B 136 -4.21 10.23 -17.39
CA LEU B 136 -5.31 11.11 -17.84
C LEU B 136 -5.34 12.44 -17.05
N THR B 137 -4.86 13.48 -17.70
CA THR B 137 -4.49 14.74 -17.06
C THR B 137 -5.71 15.62 -16.74
N HIS B 138 -6.76 15.49 -17.54
CA HIS B 138 -8.03 16.18 -17.24
C HIS B 138 -8.52 15.93 -15.79
N PRO B 139 -8.73 16.98 -14.99
CA PRO B 139 -9.14 16.73 -13.63
C PRO B 139 -10.35 15.83 -13.49
N HIS B 140 -10.17 14.78 -12.70
CA HIS B 140 -11.23 13.88 -12.48
C HIS B 140 -11.02 13.14 -11.19
N SER B 141 -12.11 12.58 -10.69
CA SER B 141 -12.16 11.79 -9.49
C SER B 141 -12.89 10.49 -9.84
N GLN B 142 -12.95 9.57 -8.86
CA GLN B 142 -13.59 8.25 -9.09
C GLN B 142 -14.51 7.86 -7.95
N ILE B 143 -15.54 7.12 -8.37
CA ILE B 143 -16.51 6.52 -7.48
C ILE B 143 -16.48 5.05 -7.83
N TYR B 144 -16.34 4.18 -6.83
CA TYR B 144 -16.71 2.76 -6.98
C TYR B 144 -17.95 2.53 -6.08
N ILE B 145 -19.01 1.99 -6.66
CA ILE B 145 -20.19 1.55 -5.92
C ILE B 145 -20.05 0.02 -5.79
N LEU B 146 -19.90 -0.44 -4.54
CA LEU B 146 -19.32 -1.75 -4.23
C LEU B 146 -20.27 -2.71 -3.49
N PRO B 147 -20.21 -4.03 -3.86
CA PRO B 147 -20.92 -5.11 -3.14
C PRO B 147 -20.35 -5.49 -1.76
N VAL B 148 -19.18 -4.96 -1.42
CA VAL B 148 -18.45 -5.26 -0.21
C VAL B 148 -17.94 -3.95 0.38
N VAL B 149 -17.59 -3.96 1.66
CA VAL B 149 -17.00 -2.80 2.32
C VAL B 149 -15.48 -2.89 2.11
N PRO B 150 -14.83 -1.75 1.78
CA PRO B 150 -13.40 -1.77 1.62
C PRO B 150 -12.70 -2.19 2.91
N PRO B 151 -11.78 -3.18 2.81
CA PRO B 151 -11.13 -3.76 4.01
C PRO B 151 -10.59 -2.70 4.91
N ARG B 152 -10.01 -1.63 4.36
CA ARG B 152 -9.49 -0.61 5.24
C ARG B 152 -10.62 0.05 5.98
N VAL B 153 -11.75 0.32 5.32
CA VAL B 153 -12.87 0.97 6.01
C VAL B 153 -13.47 0.01 7.02
N ARG B 154 -13.71 -1.23 6.58
CA ARG B 154 -14.07 -2.31 7.50
C ARG B 154 -13.19 -2.39 8.77
N ALA B 155 -11.88 -2.17 8.69
CA ALA B 155 -11.06 -2.19 9.90
C ALA B 155 -11.33 -0.98 10.77
N GLU B 156 -11.39 0.20 10.15
CA GLU B 156 -11.77 1.41 10.89
C GLU B 156 -13.16 1.24 11.54
N LEU B 157 -14.09 0.57 10.85
CA LEU B 157 -15.44 0.35 11.39
C LEU B 157 -15.42 -0.46 12.68
N GLN B 158 -14.62 -1.54 12.72
CA GLN B 158 -14.58 -2.41 13.90
C GLN B 158 -13.97 -1.68 15.07
N ALA B 159 -12.81 -1.08 14.90
CA ALA B 159 -12.14 -0.36 15.98
C ALA B 159 -12.96 0.83 16.52
N SER B 160 -13.76 1.42 15.64
CA SER B 160 -14.67 2.52 16.01
C SER B 160 -15.84 2.03 16.89
N TYR B 161 -16.53 0.97 16.46
CA TYR B 161 -17.60 0.28 17.21
C TYR B 161 -17.17 -0.13 18.62
N GLU B 162 -16.00 -0.76 18.71
CA GLU B 162 -15.44 -1.25 19.98
C GLU B 162 -15.02 -0.19 20.97
N TRP B 163 -14.77 1.04 20.51
CA TRP B 163 -14.50 2.15 21.44
C TRP B 163 -15.81 2.76 21.90
N TYR B 164 -16.75 2.94 20.98
CA TYR B 164 -18.13 3.35 21.32
C TYR B 164 -18.80 2.46 22.41
N VAL B 165 -18.64 1.13 22.31
CA VAL B 165 -19.16 0.20 23.33
C VAL B 165 -18.45 0.45 24.68
N LYS B 166 -17.14 0.60 24.65
CA LYS B 166 -16.35 0.74 25.88
C LYS B 166 -16.56 2.09 26.60
N HIS B 167 -16.53 3.20 25.88
CA HIS B 167 -16.59 4.54 26.49
C HIS B 167 -17.91 5.29 26.32
N GLY B 168 -18.78 4.82 25.41
CA GLY B 168 -20.11 5.41 25.21
C GLY B 168 -20.24 6.42 24.07
N SER B 169 -19.12 6.98 23.60
CA SER B 169 -19.10 7.98 22.53
C SER B 169 -18.23 7.60 21.31
N CYS B 170 -18.32 8.43 20.26
CA CYS B 170 -17.45 8.34 19.07
C CYS B 170 -16.02 8.90 19.29
N LEU B 171 -15.02 8.05 18.98
CA LEU B 171 -13.61 8.42 19.16
C LEU B 171 -13.17 9.53 18.20
N HIS B 172 -13.79 9.55 17.02
CA HIS B 172 -13.47 10.54 15.99
C HIS B 172 -13.82 11.93 16.51
N CYS B 173 -15.08 12.14 16.91
CA CYS B 173 -15.44 13.44 17.55
C CYS B 173 -14.43 13.80 18.63
N ARG B 174 -14.13 12.85 19.50
CA ARG B 174 -13.19 13.12 20.59
C ARG B 174 -11.84 13.52 20.01
N ILE B 175 -11.39 12.83 18.98
CA ILE B 175 -10.11 13.17 18.35
C ILE B 175 -10.14 14.54 17.68
N VAL B 176 -11.22 14.83 16.95
CA VAL B 176 -11.35 16.11 16.25
C VAL B 176 -11.40 17.33 17.15
N GLU B 177 -12.19 17.26 18.22
CA GLU B 177 -12.32 18.37 19.14
C GLU B 177 -11.03 18.69 19.89
N LYS B 178 -10.33 17.65 20.29
CA LYS B 178 -9.08 17.80 21.04
C LYS B 178 -7.95 18.38 20.20
N GLU B 179 -7.87 17.93 18.95
CA GLU B 179 -6.80 18.36 18.07
C GLU B 179 -6.83 19.83 17.68
N GLU B 180 -5.70 20.52 17.92
CA GLU B 180 -5.59 21.92 17.52
C GLU B 180 -4.16 22.32 17.15
N LYS B 181 -3.18 21.71 17.80
CA LYS B 181 -1.77 21.99 17.53
C LYS B 181 -1.37 21.57 16.13
N ARG B 182 -1.93 20.45 15.69
CA ARG B 182 -1.65 19.86 14.39
C ARG B 182 -2.66 20.34 13.40
N LEU B 183 -3.45 21.31 13.83
CA LEU B 183 -4.46 21.93 12.97
C LEU B 183 -3.83 22.59 11.73
N VAL B 184 -4.42 22.33 10.59
CA VAL B 184 -3.99 22.97 9.37
C VAL B 184 -4.98 24.05 8.94
N PHE B 185 -6.28 23.76 9.11
CA PHE B 185 -7.35 24.62 8.68
C PHE B 185 -8.68 24.19 9.29
N GLN B 186 -9.52 25.20 9.57
CA GLN B 186 -10.91 24.97 9.98
C GLN B 186 -11.78 26.17 9.60
N ASN B 187 -13.09 25.92 9.58
CA ASN B 187 -14.11 26.88 9.25
C ASN B 187 -15.38 26.42 10.00
N ARG B 188 -16.53 27.04 9.74
CA ARG B 188 -17.79 26.74 10.47
C ARG B 188 -18.13 25.25 10.64
N ASN B 189 -17.79 24.42 9.64
CA ASN B 189 -18.18 23.00 9.67
C ASN B 189 -17.13 21.91 9.48
N TRP B 190 -15.86 22.26 9.27
CA TRP B 190 -14.81 21.29 8.94
C TRP B 190 -13.52 21.60 9.64
N LYS B 191 -12.85 20.53 10.05
CA LYS B 191 -11.51 20.59 10.57
C LYS B 191 -10.56 19.67 9.74
N ALA B 192 -9.39 20.25 9.40
CA ALA B 192 -8.35 19.64 8.61
C ALA B 192 -7.04 19.70 9.40
N PHE B 193 -6.48 18.53 9.72
CA PHE B 193 -5.26 18.44 10.56
C PHE B 193 -4.40 17.23 10.13
N VAL B 194 -3.12 17.33 10.45
CA VAL B 194 -2.18 16.23 10.29
C VAL B 194 -2.39 15.28 11.43
N PRO B 195 -2.84 14.05 11.15
CA PRO B 195 -3.11 13.20 12.32
C PRO B 195 -1.86 12.80 13.08
N PHE B 196 -2.02 12.48 14.37
CA PHE B 196 -0.91 11.96 15.20
C PHE B 196 -0.33 10.67 14.57
N TYR B 197 -1.26 9.87 14.08
CA TYR B 197 -0.99 8.56 13.45
C TYR B 197 -0.71 8.66 11.91
N ALA B 198 -0.30 9.83 11.42
CA ALA B 198 0.09 10.03 10.01
C ALA B 198 1.14 9.00 9.55
N LYS B 199 0.99 8.53 8.30
CA LYS B 199 1.81 7.47 7.68
C LYS B 199 2.55 7.91 6.45
N TRP B 200 1.99 8.88 5.74
CA TRP B 200 2.52 9.36 4.46
C TRP B 200 3.19 10.71 4.67
N PRO B 201 4.13 11.08 3.81
CA PRO B 201 4.98 12.24 4.04
C PRO B 201 4.23 13.58 4.36
N HIS B 202 3.20 13.92 3.60
CA HIS B 202 2.26 15.02 3.95
C HIS B 202 0.80 14.51 4.03
N GLU B 203 0.37 14.09 5.21
CA GLU B 203 -0.98 13.57 5.39
C GLU B 203 -1.89 14.59 6.08
N VAL B 204 -3.15 14.68 5.62
CA VAL B 204 -4.17 15.50 6.23
C VAL B 204 -5.50 14.79 6.20
N HIS B 205 -6.13 14.71 7.35
CA HIS B 205 -7.49 14.22 7.40
C HIS B 205 -8.45 15.42 7.57
N ILE B 206 -9.59 15.39 6.86
CA ILE B 206 -10.60 16.49 6.90
C ILE B 206 -11.91 15.94 7.48
N TYR B 207 -12.26 16.41 8.67
CA TYR B 207 -13.46 15.92 9.37
C TYR B 207 -14.49 17.06 9.48
N PRO B 208 -15.79 16.74 9.39
CA PRO B 208 -16.81 17.68 9.78
C PRO B 208 -16.92 17.80 11.33
N LYS B 209 -16.85 19.04 11.84
CA LYS B 209 -17.08 19.38 13.28
C LYS B 209 -18.32 18.73 13.94
N ARG B 210 -19.38 18.61 13.19
CA ARG B 210 -20.56 17.84 13.59
C ARG B 210 -20.44 16.35 13.12
N HIS B 211 -20.95 15.43 13.94
CA HIS B 211 -20.86 13.97 13.66
C HIS B 211 -21.76 13.52 12.48
N ARG B 212 -21.14 13.40 11.32
CA ARG B 212 -21.79 12.86 10.14
C ARG B 212 -21.09 11.57 9.83
N SER B 213 -21.85 10.51 9.54
CA SER B 213 -21.28 9.22 9.07
C SER B 213 -21.44 8.95 7.55
N LEU B 214 -22.15 9.84 6.85
CA LEU B 214 -22.50 9.60 5.47
C LEU B 214 -22.53 10.90 4.71
N LEU B 215 -22.10 10.82 3.44
CA LEU B 215 -21.98 11.98 2.59
C LEU B 215 -23.35 12.68 2.41
N THR B 216 -24.34 11.86 2.09
CA THR B 216 -25.75 12.25 1.95
C THR B 216 -26.39 12.98 3.16
N GLU B 217 -25.81 12.93 4.36
CA GLU B 217 -26.36 13.69 5.49
C GLU B 217 -25.86 15.13 5.52
N LEU B 218 -25.03 15.53 4.58
CA LEU B 218 -24.42 16.87 4.67
C LEU B 218 -25.44 17.97 4.30
N THR B 219 -25.52 18.96 5.18
CA THR B 219 -26.23 20.20 4.98
C THR B 219 -25.58 20.97 3.85
N ASP B 220 -26.38 21.76 3.14
CA ASP B 220 -25.90 22.50 1.97
C ASP B 220 -24.80 23.51 2.31
N GLU B 221 -24.85 24.10 3.50
CA GLU B 221 -23.71 24.85 4.05
C GLU B 221 -22.52 23.96 4.44
N GLU B 222 -22.77 22.71 4.84
CA GLU B 222 -21.67 21.76 5.11
C GLU B 222 -20.95 21.48 3.78
N VAL B 223 -21.71 21.10 2.75
CA VAL B 223 -21.16 20.83 1.44
C VAL B 223 -20.37 22.02 0.94
N ALA B 224 -20.85 23.24 1.22
CA ALA B 224 -20.18 24.48 0.77
C ALA B 224 -18.90 24.75 1.51
N ASP B 225 -18.92 24.53 2.81
CA ASP B 225 -17.70 24.72 3.60
C ASP B 225 -16.67 23.61 3.32
N LEU B 226 -17.17 22.45 2.94
CA LEU B 226 -16.31 21.35 2.49
C LEU B 226 -15.49 21.75 1.25
N ALA B 227 -16.14 22.39 0.28
CA ALA B 227 -15.48 22.84 -0.93
C ALA B 227 -14.34 23.76 -0.61
N GLU B 228 -14.57 24.59 0.40
CA GLU B 228 -13.57 25.54 0.87
C GLU B 228 -12.46 24.78 1.61
N ALA B 229 -12.82 23.76 2.37
CA ALA B 229 -11.84 22.95 3.10
C ALA B 229 -10.88 22.25 2.13
N LEU B 230 -11.48 21.53 1.21
CA LEU B 230 -10.76 20.83 0.18
C LEU B 230 -9.89 21.76 -0.64
N LYS B 231 -10.44 22.87 -1.10
CA LYS B 231 -9.68 23.82 -1.94
C LYS B 231 -8.41 24.31 -1.28
N ILE B 232 -8.49 24.61 0.01
CA ILE B 232 -7.44 25.40 0.66
C ILE B 232 -6.39 24.42 1.11
N THR B 233 -6.85 23.32 1.71
CA THR B 233 -5.95 22.20 2.01
C THR B 233 -5.18 21.73 0.75
N LEU B 234 -5.90 21.45 -0.33
CA LEU B 234 -5.26 20.98 -1.55
C LEU B 234 -4.27 22.04 -2.03
N CYS B 235 -4.66 23.30 -1.90
CA CYS B 235 -3.80 24.41 -2.28
C CYS B 235 -2.52 24.41 -1.44
N ALA B 236 -2.67 24.13 -0.14
CA ALA B 236 -1.52 24.11 0.77
C ALA B 236 -0.54 23.02 0.36
N LEU B 237 -1.06 21.85 -0.01
CA LEU B 237 -0.23 20.75 -0.45
C LEU B 237 0.39 20.99 -1.82
N LYS B 238 -0.36 21.67 -2.67
CA LYS B 238 0.17 22.05 -3.98
C LYS B 238 1.34 23.01 -3.88
N GLN B 239 1.44 23.78 -2.79
CA GLN B 239 2.53 24.79 -2.65
C GLN B 239 3.65 24.38 -1.70
N VAL B 240 3.39 23.54 -0.70
CA VAL B 240 4.41 23.29 0.37
C VAL B 240 5.74 22.78 -0.19
N ALA B 241 5.71 21.87 -1.14
CA ALA B 241 6.92 21.25 -1.73
C ALA B 241 7.72 22.19 -2.62
N GLY B 242 7.09 23.21 -3.18
CA GLY B 242 7.76 24.11 -4.13
C GLY B 242 7.39 23.75 -5.56
N ILE B 243 6.95 22.51 -5.76
CA ILE B 243 6.37 22.02 -7.04
C ILE B 243 5.09 21.30 -6.66
N PRO B 244 4.10 21.35 -7.53
CA PRO B 244 2.86 20.63 -7.20
C PRO B 244 3.07 19.13 -6.86
N MET B 245 2.51 18.73 -5.73
CA MET B 245 2.72 17.42 -5.15
C MET B 245 1.70 16.40 -5.65
N PRO B 246 2.15 15.20 -6.06
CA PRO B 246 1.19 14.13 -6.30
C PRO B 246 0.44 13.73 -5.00
N TYR B 247 -0.82 13.36 -5.09
CA TYR B 247 -1.53 13.02 -3.83
C TYR B 247 -2.65 12.02 -4.09
N ILE B 248 -3.08 11.36 -3.03
CA ILE B 248 -4.21 10.40 -3.07
C ILE B 248 -5.26 10.92 -2.10
N MET B 249 -6.52 10.99 -2.54
CA MET B 249 -7.60 11.46 -1.63
C MET B 249 -8.69 10.38 -1.58
N VAL B 250 -9.11 9.99 -0.37
CA VAL B 250 -10.18 9.00 -0.25
C VAL B 250 -11.26 9.45 0.76
N LEU B 251 -12.52 9.15 0.44
CA LEU B 251 -13.60 9.43 1.37
C LEU B 251 -13.85 8.19 2.21
N HIS B 252 -13.64 8.33 3.50
CA HIS B 252 -13.97 7.25 4.45
C HIS B 252 -15.28 7.61 5.14
N GLN B 253 -16.32 6.85 4.86
CA GLN B 253 -17.64 7.09 5.40
C GLN B 253 -18.24 5.71 5.70
N ALA B 254 -19.45 5.68 6.26
CA ALA B 254 -20.03 4.42 6.77
C ALA B 254 -20.57 3.64 5.62
N PRO B 255 -20.95 2.38 5.82
CA PRO B 255 -21.56 1.69 4.64
C PRO B 255 -22.96 2.21 4.32
N LEU B 256 -23.46 1.82 3.13
CA LEU B 256 -24.81 2.21 2.67
C LEU B 256 -25.85 1.37 3.44
N PRO B 257 -27.07 1.88 3.59
CA PRO B 257 -27.35 3.31 3.49
C PRO B 257 -27.72 3.91 4.86
N ARG B 258 -27.48 3.14 5.93
CA ARG B 258 -27.87 3.59 7.30
C ARG B 258 -26.70 4.20 8.06
N PRO B 259 -26.92 5.40 8.61
CA PRO B 259 -25.94 6.11 9.45
C PRO B 259 -25.49 5.38 10.73
N THR B 260 -24.48 5.95 11.40
CA THR B 260 -23.78 5.28 12.50
C THR B 260 -23.32 6.31 13.51
N GLN B 261 -23.40 5.97 14.79
CA GLN B 261 -22.96 6.90 15.84
C GLN B 261 -21.48 6.74 16.22
N TYR B 262 -20.89 5.63 15.79
CA TYR B 262 -19.50 5.25 16.16
C TYR B 262 -18.48 5.57 15.07
N TYR B 263 -18.92 5.56 13.81
CA TYR B 263 -18.07 5.95 12.70
C TYR B 263 -18.47 7.33 12.19
N HIS B 264 -17.45 8.13 11.87
CA HIS B 264 -17.59 9.52 11.49
C HIS B 264 -16.81 9.68 10.15
N LEU B 265 -17.46 10.23 9.12
CA LEU B 265 -16.86 10.31 7.78
C LEU B 265 -15.69 11.28 7.71
N HIS B 266 -14.75 10.99 6.82
CA HIS B 266 -13.56 11.85 6.64
C HIS B 266 -12.86 11.62 5.31
N PHE B 267 -12.19 12.68 4.86
CA PHE B 267 -11.39 12.64 3.66
C PHE B 267 -9.98 12.50 4.16
N GLU B 268 -9.26 11.52 3.60
CA GLU B 268 -7.82 11.37 3.85
C GLU B 268 -7.12 11.76 2.60
N ILE B 269 -6.11 12.59 2.79
CA ILE B 269 -5.28 13.07 1.73
C ILE B 269 -3.84 12.61 2.01
N TYR B 270 -3.32 11.68 1.19
CA TYR B 270 -1.89 11.30 1.31
C TYR B 270 -1.05 12.05 0.27
N GLY B 271 -0.33 13.06 0.71
CA GLY B 271 0.58 13.79 -0.17
C GLY B 271 1.89 13.03 -0.28
N MET B 272 2.37 12.78 -1.50
CA MET B 272 3.41 11.78 -1.70
C MET B 272 4.81 12.36 -2.00
N TYR B 273 5.05 13.64 -1.71
CA TYR B 273 6.42 14.12 -1.67
C TYR B 273 6.91 14.22 -0.24
N ARG B 274 8.14 13.80 -0.01
CA ARG B 274 8.85 14.15 1.23
C ARG B 274 9.11 15.66 1.28
N PRO B 275 9.51 16.19 2.46
CA PRO B 275 9.84 17.63 2.55
C PRO B 275 10.74 18.19 1.44
N ASP B 276 11.78 17.45 1.03
CA ASP B 276 12.66 17.88 -0.11
C ASP B 276 12.14 17.66 -1.54
N GLY B 277 10.89 17.23 -1.70
CA GLY B 277 10.26 17.18 -3.03
C GLY B 277 10.59 15.99 -3.93
N LYS B 278 11.39 15.07 -3.43
CA LYS B 278 11.53 13.76 -4.08
C LYS B 278 10.33 12.86 -3.67
N LEU B 279 9.97 11.94 -4.55
CA LEU B 279 8.77 11.13 -4.38
C LEU B 279 9.03 10.01 -3.36
N LYS B 280 8.01 9.59 -2.65
CA LYS B 280 8.11 8.54 -1.64
C LYS B 280 7.29 7.40 -2.20
N HIS B 281 7.88 6.24 -2.37
CA HIS B 281 7.18 5.14 -3.00
C HIS B 281 6.78 4.21 -1.92
N ALA B 282 5.64 3.55 -2.06
CA ALA B 282 5.26 2.55 -1.09
C ALA B 282 6.07 1.33 -1.51
N ALA B 283 6.95 0.85 -0.63
CA ALA B 283 7.82 -0.29 -0.94
C ALA B 283 7.58 -1.53 -0.07
N GLY B 284 8.65 -2.28 0.20
CA GLY B 284 8.54 -3.51 0.99
C GLY B 284 8.01 -3.27 2.38
N ALA B 285 8.54 -2.28 3.08
CA ALA B 285 7.97 -1.93 4.39
C ALA B 285 6.47 -1.77 4.34
N GLU B 286 5.99 -0.99 3.36
CA GLU B 286 4.63 -0.55 3.39
C GLU B 286 3.69 -1.56 2.77
N LEU B 287 3.98 -2.01 1.58
CA LEU B 287 3.11 -2.94 0.94
C LEU B 287 3.30 -4.32 1.45
N GLY B 288 4.53 -4.61 1.88
CA GLY B 288 4.93 -5.95 2.28
C GLY B 288 4.59 -6.32 3.69
N ALA B 289 4.62 -5.32 4.57
CA ALA B 289 4.43 -5.55 5.97
C ALA B 289 3.46 -4.59 6.66
N SER B 290 2.88 -3.65 5.92
CA SER B 290 2.09 -2.54 6.49
C SER B 290 2.78 -1.79 7.63
N LEU B 291 4.05 -1.51 7.43
CA LEU B 291 4.84 -0.71 8.36
C LEU B 291 5.15 0.58 7.65
N PHE B 292 5.04 1.69 8.36
CA PHE B 292 5.28 3.02 7.77
C PHE B 292 6.40 3.68 8.53
N THR B 293 7.12 4.56 7.85
CA THR B 293 8.19 5.32 8.49
C THR B 293 8.04 6.79 8.11
N LEU B 294 8.45 7.66 9.02
CA LEU B 294 8.44 9.07 8.77
C LEU B 294 9.76 9.65 9.24
N ASP B 295 10.43 10.36 8.32
CA ASP B 295 11.70 11.06 8.55
C ASP B 295 11.56 12.43 9.23
N THR B 296 10.32 12.81 9.57
CA THR B 296 9.91 14.12 10.07
C THR B 296 8.64 13.96 10.93
N THR B 297 8.57 14.65 12.06
CA THR B 297 7.44 14.56 12.97
C THR B 297 6.18 15.10 12.24
N PRO B 298 5.00 14.53 12.51
CA PRO B 298 3.71 15.09 12.06
C PRO B 298 3.43 16.53 12.50
N GLU B 299 3.89 16.85 13.70
CA GLU B 299 3.75 18.17 14.30
C GLU B 299 4.52 19.17 13.41
N GLU B 300 5.79 18.87 13.11
CA GLU B 300 6.57 19.74 12.21
C GLU B 300 5.96 19.84 10.81
N THR B 301 5.37 18.75 10.32
CA THR B 301 4.73 18.73 9.00
C THR B 301 3.41 19.56 8.97
N ALA B 302 2.58 19.48 10.00
CA ALA B 302 1.46 20.43 10.13
C ALA B 302 1.93 21.89 10.03
N ALA B 303 3.04 22.23 10.67
CA ALA B 303 3.58 23.60 10.58
C ALA B 303 3.79 24.01 9.15
N ARG B 304 4.57 23.22 8.42
CA ARG B 304 4.99 23.54 7.04
C ARG B 304 3.73 23.65 6.19
N ILE B 305 2.77 22.78 6.45
CA ILE B 305 1.56 22.75 5.68
C ILE B 305 0.74 24.02 5.97
N LYS B 306 0.48 24.27 7.25
CA LYS B 306 -0.21 25.49 7.71
C LYS B 306 0.49 26.80 7.25
N ALA B 307 1.81 26.81 7.28
CA ALA B 307 2.54 28.00 6.84
C ALA B 307 2.33 28.21 5.35
N ALA B 308 2.50 27.15 4.55
CA ALA B 308 2.26 27.22 3.09
C ALA B 308 0.81 27.54 2.74
N LEU B 309 -0.12 27.07 3.58
CA LEU B 309 -1.59 27.34 3.46
C LEU B 309 -1.94 28.80 3.57
N GLN B 310 -1.11 29.57 4.28
CA GLN B 310 -1.31 31.03 4.34
C GLN B 310 -1.29 31.67 2.95
N LYS B 311 -0.39 31.23 2.08
CA LYS B 311 -0.31 31.80 0.74
C LYS B 311 -1.58 31.61 -0.07
N CYS B 312 -2.22 30.47 0.12
CA CYS B 312 -3.41 30.14 -0.65
C CYS B 312 -4.58 31.12 -0.51
N LEU B 313 -4.78 31.69 0.67
CA LEU B 313 -5.88 32.63 0.83
C LEU B 313 -5.77 33.81 -0.15
N LYS B 314 -6.89 34.13 -0.77
CA LYS B 314 -7.05 35.18 -1.78
C LYS B 314 -8.39 35.00 -2.48
ZN ZN C . 28.83 -0.04 -4.18
ZN ZN D . 2.14 -25.32 6.68
FE FE E . 1.87 -13.53 3.18
P PO4 F . 17.61 2.15 -0.76
O1 PO4 F . 18.32 2.90 -1.89
O2 PO4 F . 17.38 0.67 -0.96
O3 PO4 F . 16.17 2.66 -0.71
O4 PO4 F . 18.29 2.35 0.59
ZN ZN G . -10.02 16.66 -21.40
ZN ZN H . -18.22 11.43 15.59
FE FE I . -9.67 6.79 7.97
P PO4 J . -5.89 7.64 -14.41
O1 PO4 J . -4.85 8.46 -15.17
O2 PO4 J . -6.25 6.43 -15.28
O3 PO4 J . -7.12 8.47 -14.18
O4 PO4 J . -5.40 7.25 -13.02
#